data_5W7A
#
_entry.id   5W7A
#
_cell.length_a   89.578
_cell.length_b   123.199
_cell.length_c   125.918
_cell.angle_alpha   90.00
_cell.angle_beta   90.00
_cell.angle_gamma   90.00
#
_symmetry.space_group_name_H-M   'C 2 2 21'
#
loop_
_entity.id
_entity.type
_entity.pdbx_description
1 polymer 'Acyloxyacyl hydrolase small subunit'
2 polymer 'Acyloxyacyl hydrolase large subunit'
3 branched 2-acetamido-2-deoxy-beta-D-glucopyranose-(1-4)-2-acetamido-2-deoxy-beta-D-glucopyranose
4 non-polymer 'CALCIUM ION'
5 non-polymer 2-acetamido-2-deoxy-beta-D-glucopyranose
6 non-polymer 'PHOSPHATE ION'
7 non-polymer 'HEXAETHYLENE GLYCOL'
8 non-polymer '3-HYDROXY-TETRADECANOIC ACID'
9 water water
#
loop_
_entity_poly.entity_id
_entity_poly.type
_entity_poly.pdbx_seq_one_letter_code
_entity_poly.pdbx_strand_id
1 'polypeptide(L)'
;DRHHHHHHKLSRAHDNQPGTIRSDHYTCVGCVLVVSVIEQLAQVHNSTVQASMERLCSYLPEEWVLKTACYMMVHVFGAD
IIKLFDKDVNADVVCHTLEFCKQEPGQPLCHLYPLPKESWKFTLEKARHIVKQSPIMKYTR
;
A
2 'polypeptide(L)'
;SGAGICSLPFLAKICQKIKLAIKNSVPIKDVDSDKYSIFPTLRGYHWRGRDCNDSDKTVYPGRRPDNWDAHRDSNCNGIW
GVDPKDGIPYEKKFCEGSQPRGIILLGDAAGAHFHIPPEWLTVSQMSVNSFLNLPTAVTNELDWPQLSGTTGFLDSASKI
KENSIYLRLRKRNRCNHRDYQNISKNGASSRNVKSLIESLSRNQLLDHPAIVIYAMIGNDVCNGRKTDPVSAMTTPEQLY
ANVLKMLEALNSHLPTGSHVILYGLAHGAFLWDTLHSRYHPLGQLNKDVTYTQLYSFLGCLQVSPCPGWMSANETLRALT
SERAQQLSETLRKIAASKKFTNFNLFYLDFAFQEVVEEWQKMGGQPWELIEAVDGFHPNEVALLLFADQLWEKVQRQWPD
VLGKENPFNPQIEEVFGDQGGH
;
B
#
# COMPACT_ATOMS: atom_id res chain seq x y z
N HIS A 25 -22.47 -9.52 -3.77
CA HIS A 25 -21.02 -9.53 -3.67
C HIS A 25 -20.55 -8.83 -2.38
N TYR A 26 -19.98 -7.63 -2.52
CA TYR A 26 -19.55 -6.87 -1.35
C TYR A 26 -20.72 -6.32 -0.57
N THR A 27 -21.89 -6.21 -1.20
CA THR A 27 -23.06 -5.75 -0.47
C THR A 27 -23.42 -6.72 0.65
N CYS A 28 -23.22 -8.02 0.42
CA CYS A 28 -23.43 -8.98 1.50
C CYS A 28 -22.37 -8.81 2.58
N VAL A 29 -21.10 -8.69 2.18
CA VAL A 29 -20.03 -8.46 3.14
C VAL A 29 -20.27 -7.15 3.89
N GLY A 30 -20.56 -6.08 3.14
CA GLY A 30 -20.79 -4.79 3.77
C GLY A 30 -22.01 -4.80 4.67
N CYS A 31 -23.14 -5.31 4.15
CA CYS A 31 -24.33 -5.42 4.98
C CYS A 31 -24.05 -6.22 6.24
N VAL A 32 -23.46 -7.41 6.10
CA VAL A 32 -23.14 -8.22 7.26
C VAL A 32 -22.22 -7.45 8.21
N LEU A 33 -21.28 -6.70 7.65
CA LEU A 33 -20.39 -5.89 8.49
C LEU A 33 -21.13 -4.73 9.13
N VAL A 34 -21.87 -3.95 8.34
CA VAL A 34 -22.66 -2.86 8.89
C VAL A 34 -23.64 -3.40 9.93
N VAL A 35 -24.47 -4.38 9.53
CA VAL A 35 -25.47 -4.93 10.44
C VAL A 35 -24.82 -5.55 11.67
N SER A 36 -23.57 -6.00 11.55
CA SER A 36 -22.92 -6.65 12.68
C SER A 36 -22.37 -5.66 13.70
N VAL A 37 -22.10 -4.42 13.29
CA VAL A 37 -21.68 -3.42 14.27
C VAL A 37 -22.90 -2.79 14.93
N ILE A 38 -23.99 -2.63 14.19
CA ILE A 38 -25.26 -2.17 14.77
C ILE A 38 -25.71 -3.14 15.85
N GLU A 39 -25.83 -4.42 15.50
CA GLU A 39 -26.26 -5.42 16.48
C GLU A 39 -25.25 -5.58 17.61
N GLN A 40 -23.96 -5.41 17.32
CA GLN A 40 -22.95 -5.43 18.38
C GLN A 40 -22.88 -4.11 19.12
N LEU A 41 -23.59 -3.07 18.64
CA LEU A 41 -23.71 -1.81 19.37
C LEU A 41 -24.86 -1.85 20.37
N ALA A 42 -26.00 -2.41 19.97
CA ALA A 42 -27.10 -2.60 20.90
C ALA A 42 -26.69 -3.53 22.04
N GLN A 43 -25.95 -4.59 21.73
CA GLN A 43 -25.47 -5.50 22.77
C GLN A 43 -24.49 -4.80 23.71
N VAL A 44 -23.76 -3.81 23.20
CA VAL A 44 -22.79 -3.13 24.03
C VAL A 44 -23.45 -2.00 24.83
N HIS A 45 -24.47 -1.35 24.27
CA HIS A 45 -25.14 -0.24 24.91
C HIS A 45 -26.50 -0.62 25.51
N ASN A 46 -26.79 -1.91 25.61
CA ASN A 46 -28.03 -2.40 26.21
C ASN A 46 -29.24 -1.63 25.70
N SER A 47 -29.34 -1.53 24.37
CA SER A 47 -30.41 -0.76 23.75
C SER A 47 -31.03 -1.58 22.61
N THR A 48 -32.03 -0.99 21.95
CA THR A 48 -32.66 -1.61 20.80
C THR A 48 -31.84 -1.34 19.54
N VAL A 49 -32.24 -1.99 18.44
CA VAL A 49 -31.61 -1.75 17.15
C VAL A 49 -31.87 -0.32 16.71
N GLN A 50 -33.08 0.19 16.96
CA GLN A 50 -33.38 1.59 16.66
C GLN A 50 -32.44 2.54 17.39
N ALA A 51 -32.09 2.22 18.64
CA ALA A 51 -31.18 3.07 19.40
C ALA A 51 -29.78 3.01 18.82
N SER A 52 -29.27 1.81 18.55
CA SER A 52 -27.93 1.68 17.97
C SER A 52 -27.87 2.26 16.56
N MET A 53 -28.88 1.95 15.74
CA MET A 53 -28.91 2.46 14.37
C MET A 53 -28.83 3.98 14.35
N GLU A 54 -29.62 4.65 15.22
CA GLU A 54 -29.50 6.10 15.33
C GLU A 54 -28.13 6.50 15.87
N ARG A 55 -27.64 5.81 16.89
CA ARG A 55 -26.34 6.14 17.48
C ARG A 55 -25.23 6.04 16.45
N LEU A 56 -25.25 4.98 15.64
CA LEU A 56 -24.25 4.84 14.58
C LEU A 56 -24.23 6.08 13.69
N CYS A 57 -25.41 6.62 13.38
CA CYS A 57 -25.46 7.79 12.50
C CYS A 57 -24.73 8.98 13.11
N SER A 58 -24.69 9.06 14.44
CA SER A 58 -24.02 10.18 15.09
C SER A 58 -22.50 10.11 14.92
N TYR A 59 -21.96 8.94 14.57
CA TYR A 59 -20.53 8.72 14.52
C TYR A 59 -19.89 9.11 13.19
N LEU A 60 -20.69 9.26 12.13
CA LEU A 60 -20.17 9.53 10.80
C LEU A 60 -20.30 11.02 10.50
N PRO A 61 -19.19 11.77 10.38
CA PRO A 61 -19.27 13.22 10.10
C PRO A 61 -19.61 13.55 8.65
N ALA A 69 -24.83 12.32 9.11
CA ALA A 69 -26.19 12.77 8.82
C ALA A 69 -26.87 11.81 7.87
N CYS A 70 -26.99 10.56 8.31
CA CYS A 70 -27.69 9.51 7.59
C CYS A 70 -29.12 9.35 8.09
N TYR A 71 -29.57 10.23 8.97
CA TYR A 71 -30.86 10.10 9.63
C TYR A 71 -32.04 10.22 8.68
N MET A 72 -31.82 10.74 7.47
CA MET A 72 -32.89 10.73 6.47
C MET A 72 -33.36 9.31 6.20
N MET A 73 -32.45 8.35 6.26
CA MET A 73 -32.78 6.94 6.09
C MET A 73 -32.99 6.25 7.43
N VAL A 74 -32.03 6.34 8.35
CA VAL A 74 -32.01 5.39 9.47
C VAL A 74 -33.03 5.77 10.54
N HIS A 75 -33.03 7.02 11.02
CA HIS A 75 -34.05 7.41 11.97
C HIS A 75 -35.43 7.14 11.40
N VAL A 76 -35.54 7.13 10.07
CA VAL A 76 -36.83 7.05 9.39
C VAL A 76 -36.90 5.78 8.56
N PHE A 77 -36.12 5.71 7.48
CA PHE A 77 -36.24 4.58 6.55
C PHE A 77 -35.96 3.24 7.23
N GLY A 78 -35.09 3.23 8.24
CA GLY A 78 -34.78 1.98 8.92
C GLY A 78 -35.75 1.64 10.04
N ALA A 79 -36.47 2.63 10.55
CA ALA A 79 -37.42 2.38 11.64
C ALA A 79 -38.50 1.39 11.20
N ASP A 80 -39.21 1.70 10.13
CA ASP A 80 -40.25 0.80 9.63
C ASP A 80 -39.66 -0.57 9.28
N ILE A 81 -38.42 -0.59 8.82
CA ILE A 81 -37.81 -1.82 8.33
C ILE A 81 -37.10 -2.60 9.44
N ILE A 82 -36.55 -1.91 10.43
CA ILE A 82 -35.49 -2.51 11.25
C ILE A 82 -36.01 -3.06 12.57
N LYS A 83 -36.07 -2.20 13.60
CA LYS A 83 -36.07 -2.65 14.99
C LYS A 83 -36.96 -3.87 15.24
N LEU A 84 -38.19 -3.82 14.74
CA LEU A 84 -39.25 -4.65 15.31
C LEU A 84 -39.05 -6.15 15.06
N PHE A 85 -38.37 -6.54 13.98
CA PHE A 85 -38.44 -7.92 13.53
C PHE A 85 -37.66 -8.87 14.45
N ASP A 86 -36.52 -8.43 14.99
CA ASP A 86 -35.66 -9.30 15.78
C ASP A 86 -36.43 -10.04 16.87
N ASN A 90 -29.25 -12.91 13.55
CA ASN A 90 -28.04 -12.11 13.50
C ASN A 90 -27.87 -11.48 12.11
N ALA A 91 -26.69 -10.92 11.84
CA ALA A 91 -26.49 -10.11 10.65
C ALA A 91 -26.74 -10.91 9.38
N ASP A 92 -26.35 -12.20 9.37
CA ASP A 92 -26.60 -13.04 8.21
C ASP A 92 -28.10 -13.15 7.94
N VAL A 93 -28.90 -13.31 8.99
CA VAL A 93 -30.34 -13.40 8.83
C VAL A 93 -30.90 -12.09 8.29
N VAL A 94 -30.50 -10.97 8.92
CA VAL A 94 -31.02 -9.66 8.52
C VAL A 94 -30.68 -9.37 7.06
N CYS A 95 -29.39 -9.47 6.72
CA CYS A 95 -28.97 -9.19 5.35
C CYS A 95 -29.59 -10.18 4.36
N HIS A 96 -29.81 -11.42 4.80
CA HIS A 96 -30.61 -12.35 4.02
C HIS A 96 -32.07 -11.94 4.01
N THR A 97 -32.57 -11.45 5.16
CA THR A 97 -33.95 -10.98 5.23
C THR A 97 -34.13 -9.68 4.45
N LEU A 98 -33.14 -8.78 4.52
CA LEU A 98 -33.21 -7.49 3.84
C LEU A 98 -32.95 -7.59 2.35
N GLU A 99 -32.71 -8.79 1.82
CA GLU A 99 -32.47 -9.01 0.39
C GLU A 99 -31.08 -8.57 -0.05
N PHE A 100 -30.12 -8.43 0.87
CA PHE A 100 -28.77 -8.03 0.50
C PHE A 100 -27.85 -9.21 0.21
N CYS A 101 -28.16 -10.39 0.73
CA CYS A 101 -27.37 -11.60 0.48
C CYS A 101 -28.27 -12.58 -0.29
N LYS A 102 -28.34 -12.39 -1.60
CA LYS A 102 -29.10 -13.30 -2.44
C LYS A 102 -28.62 -14.74 -2.27
N GLN A 103 -29.55 -15.68 -2.30
CA GLN A 103 -29.25 -17.10 -2.14
C GLN A 103 -29.93 -17.86 -3.26
N GLU A 104 -29.15 -18.57 -4.06
CA GLU A 104 -29.67 -19.30 -5.21
C GLU A 104 -29.69 -20.80 -4.97
N PRO A 108 -24.97 -23.07 -1.82
CA PRO A 108 -24.18 -22.65 -0.64
C PRO A 108 -24.76 -21.44 0.07
N LEU A 109 -24.92 -21.57 1.38
CA LEU A 109 -25.48 -20.50 2.21
C LEU A 109 -24.32 -19.79 2.89
N CYS A 110 -24.01 -18.59 2.41
CA CYS A 110 -22.87 -17.84 2.93
C CYS A 110 -23.25 -17.19 4.25
N HIS A 111 -22.44 -17.46 5.28
CA HIS A 111 -22.71 -16.99 6.62
C HIS A 111 -21.37 -16.72 7.30
N LEU A 112 -21.28 -15.60 8.02
CA LEU A 112 -20.09 -15.29 8.77
C LEU A 112 -20.13 -15.88 10.18
N TYR A 113 -21.32 -15.90 10.82
CA TYR A 113 -21.47 -16.40 12.18
C TYR A 113 -22.00 -17.83 12.16
N PRO A 114 -21.68 -18.64 13.17
CA PRO A 114 -22.18 -20.03 13.18
C PRO A 114 -23.69 -20.07 13.19
N LEU A 115 -24.26 -20.94 12.36
CA LEU A 115 -25.70 -21.06 12.23
C LEU A 115 -26.28 -22.00 13.28
N GLN B 16 -17.14 11.68 -16.20
CA GLN B 16 -16.19 12.78 -16.30
C GLN B 16 -14.75 12.23 -16.22
N LYS B 17 -13.76 13.06 -16.57
CA LYS B 17 -12.37 12.64 -16.61
C LYS B 17 -11.81 12.28 -15.23
N ILE B 18 -12.59 12.49 -14.16
CA ILE B 18 -12.24 11.91 -12.87
C ILE B 18 -12.02 10.41 -13.01
N LYS B 19 -12.90 9.75 -13.78
CA LYS B 19 -12.78 8.31 -13.96
C LYS B 19 -11.43 7.98 -14.56
N LEU B 20 -10.95 8.83 -15.47
CA LEU B 20 -9.70 8.57 -16.16
C LEU B 20 -8.53 8.62 -15.17
N ALA B 21 -8.53 9.61 -14.29
CA ALA B 21 -7.42 9.76 -13.35
C ALA B 21 -7.31 8.56 -12.43
N ILE B 22 -8.44 7.98 -12.01
CA ILE B 22 -8.36 6.85 -11.10
C ILE B 22 -8.03 5.56 -11.85
N LYS B 23 -8.55 5.41 -13.07
CA LYS B 23 -8.19 4.22 -13.84
C LYS B 23 -6.72 4.25 -14.22
N ASN B 24 -6.15 5.43 -14.44
CA ASN B 24 -4.73 5.57 -14.75
C ASN B 24 -3.86 5.84 -13.53
N SER B 25 -4.43 5.89 -12.34
CA SER B 25 -3.65 6.07 -11.12
C SER B 25 -2.77 7.31 -11.21
N VAL B 26 -3.39 8.42 -11.61
CA VAL B 26 -2.73 9.73 -11.61
C VAL B 26 -3.60 10.69 -10.82
N PRO B 27 -3.04 11.73 -10.21
CA PRO B 27 -3.83 12.62 -9.36
C PRO B 27 -4.92 13.32 -10.15
N ILE B 28 -6.05 13.56 -9.47
CA ILE B 28 -7.14 14.33 -10.06
C ILE B 28 -6.83 15.83 -9.98
N LYS B 29 -6.22 16.26 -8.87
CA LYS B 29 -5.79 17.65 -8.69
C LYS B 29 -4.36 17.78 -9.18
N ASP B 30 -4.19 18.36 -10.37
CA ASP B 30 -2.89 18.43 -11.04
C ASP B 30 -2.99 19.34 -12.25
N VAL B 31 -2.92 20.66 -12.05
CA VAL B 31 -3.26 21.58 -13.12
C VAL B 31 -2.28 21.45 -14.27
N ASP B 32 -0.98 21.37 -13.98
CA ASP B 32 0.02 21.29 -15.04
C ASP B 32 0.21 19.88 -15.56
N SER B 33 -0.52 18.90 -15.04
CA SER B 33 -0.51 17.53 -15.59
C SER B 33 0.90 16.94 -15.63
N ASP B 34 1.67 17.13 -14.56
CA ASP B 34 2.97 16.48 -14.46
C ASP B 34 2.95 15.28 -13.50
N LYS B 35 1.78 14.94 -12.97
CA LYS B 35 1.49 13.77 -12.12
C LYS B 35 1.80 14.03 -10.66
N TYR B 36 2.21 15.25 -10.30
CA TYR B 36 2.45 15.61 -8.92
C TYR B 36 1.42 16.64 -8.49
N SER B 37 0.95 16.53 -7.26
CA SER B 37 -0.23 17.25 -6.81
C SER B 37 0.11 18.12 -5.60
N ILE B 38 -0.75 19.11 -5.35
CA ILE B 38 -0.76 19.82 -4.08
C ILE B 38 -1.86 19.32 -3.15
N PHE B 39 -2.61 18.31 -3.58
CA PHE B 39 -3.71 17.71 -2.84
C PHE B 39 -3.26 16.36 -2.31
N PRO B 40 -3.55 16.01 -1.05
CA PRO B 40 -2.93 14.80 -0.48
C PRO B 40 -3.45 13.50 -1.07
N THR B 41 -4.77 13.32 -1.10
CA THR B 41 -5.36 12.05 -1.48
C THR B 41 -5.68 12.06 -2.97
N LEU B 42 -6.48 11.09 -3.41
CA LEU B 42 -6.82 10.94 -4.82
C LEU B 42 -5.57 10.89 -5.68
N ARG B 43 -4.66 9.99 -5.31
CA ARG B 43 -3.39 9.79 -5.99
C ARG B 43 -2.50 11.04 -5.93
N GLY B 44 -2.77 11.91 -4.95
CA GLY B 44 -1.99 13.11 -4.76
C GLY B 44 -0.69 12.89 -4.01
N TYR B 45 -0.30 13.83 -3.14
CA TYR B 45 1.05 13.76 -2.61
C TYR B 45 1.21 12.76 -1.46
N HIS B 46 0.13 12.14 -1.01
CA HIS B 46 0.30 10.94 -0.18
C HIS B 46 1.02 9.84 -0.95
N TRP B 47 0.97 9.88 -2.28
CA TRP B 47 1.53 8.84 -3.14
C TRP B 47 2.85 9.24 -3.79
N ARG B 48 3.02 10.52 -4.10
CA ARG B 48 4.23 11.04 -4.74
C ARG B 48 4.60 12.36 -4.07
N GLY B 49 5.85 12.76 -4.23
CA GLY B 49 6.28 14.05 -3.73
C GLY B 49 5.36 15.18 -4.11
N ARG B 50 5.14 16.10 -3.19
CA ARG B 50 4.26 17.24 -3.44
C ARG B 50 4.86 18.18 -4.49
N ASP B 51 4.02 18.61 -5.43
CA ASP B 51 4.42 19.54 -6.48
C ASP B 51 4.59 20.94 -5.90
N CYS B 52 5.82 21.44 -5.87
CA CYS B 52 6.06 22.79 -5.35
C CYS B 52 5.64 23.88 -6.33
N ASN B 53 5.27 23.55 -7.57
CA ASN B 53 4.63 24.49 -8.49
C ASN B 53 3.71 23.70 -9.42
N ASP B 54 2.43 23.60 -9.05
CA ASP B 54 1.47 22.89 -9.88
C ASP B 54 0.98 23.71 -11.06
N SER B 55 1.64 24.83 -11.36
CA SER B 55 1.37 25.62 -12.56
C SER B 55 2.45 25.47 -13.61
N ASP B 56 3.49 24.68 -13.36
CA ASP B 56 4.62 24.57 -14.28
C ASP B 56 4.99 23.09 -14.43
N LYS B 57 4.82 22.58 -15.65
CA LYS B 57 5.14 21.19 -15.95
C LYS B 57 6.63 20.90 -15.82
N THR B 58 7.49 21.91 -15.84
CA THR B 58 8.93 21.72 -15.72
C THR B 58 9.43 21.85 -14.29
N VAL B 59 8.52 21.87 -13.31
CA VAL B 59 8.88 21.91 -11.90
C VAL B 59 8.18 20.72 -11.26
N TYR B 60 8.96 19.77 -10.76
CA TYR B 60 8.41 18.56 -10.16
C TYR B 60 9.55 17.82 -9.48
N PRO B 61 9.23 16.93 -8.53
CA PRO B 61 10.29 16.21 -7.82
C PRO B 61 11.03 15.25 -8.75
N GLY B 62 12.33 15.11 -8.50
CA GLY B 62 13.16 14.19 -9.25
C GLY B 62 13.89 14.79 -10.42
N ARG B 63 13.60 16.05 -10.76
CA ARG B 63 14.16 16.65 -11.95
C ARG B 63 15.60 17.10 -11.70
N ARG B 64 16.43 17.02 -12.72
CA ARG B 64 17.73 17.64 -12.63
C ARG B 64 17.56 19.16 -12.54
N PRO B 65 18.36 19.84 -11.73
CA PRO B 65 18.18 21.29 -11.60
C PRO B 65 18.54 22.02 -12.88
N ASP B 66 17.71 22.99 -13.23
CA ASP B 66 17.96 23.85 -14.38
C ASP B 66 18.81 25.02 -13.91
N ASN B 67 20.06 25.06 -14.37
CA ASN B 67 21.01 26.08 -13.90
C ASN B 67 21.16 26.00 -12.38
N TRP B 68 21.16 24.77 -11.86
CA TRP B 68 21.45 24.50 -10.45
C TRP B 68 20.49 25.23 -9.51
N ASP B 69 19.28 25.50 -9.99
CA ASP B 69 18.24 26.16 -9.17
C ASP B 69 18.79 27.40 -8.50
N ALA B 70 19.55 28.20 -9.27
CA ALA B 70 20.06 29.46 -8.75
C ALA B 70 18.93 30.46 -8.54
N HIS B 71 17.89 30.42 -9.39
CA HIS B 71 16.78 31.36 -9.32
C HIS B 71 15.48 30.76 -8.81
N ARG B 72 15.28 29.45 -8.95
CA ARG B 72 14.07 28.85 -8.40
C ARG B 72 14.31 27.37 -8.15
N ASP B 73 13.43 26.78 -7.35
CA ASP B 73 13.49 25.37 -7.02
C ASP B 73 12.66 24.61 -8.04
N SER B 74 13.34 23.94 -8.98
CA SER B 74 12.67 23.27 -10.09
C SER B 74 12.47 21.77 -9.86
N ASN B 75 13.17 21.18 -8.89
CA ASN B 75 13.01 19.76 -8.58
C ASN B 75 12.40 19.54 -7.20
N CYS B 76 11.94 20.61 -6.54
CA CYS B 76 11.11 20.54 -5.34
C CYS B 76 11.81 19.89 -4.14
N ASN B 77 13.14 19.86 -4.12
CA ASN B 77 13.86 19.34 -2.95
C ASN B 77 14.19 20.42 -1.93
N GLY B 78 13.65 21.64 -2.09
CA GLY B 78 13.80 22.69 -1.11
C GLY B 78 15.12 23.44 -1.19
N ILE B 79 16.02 23.03 -2.06
CA ILE B 79 17.33 23.64 -2.20
C ILE B 79 17.32 24.50 -3.46
N TRP B 80 17.71 25.77 -3.32
CA TRP B 80 17.71 26.70 -4.43
C TRP B 80 18.38 27.99 -3.98
N GLY B 81 18.54 28.91 -4.90
CA GLY B 81 19.13 30.19 -4.59
C GLY B 81 20.64 30.14 -4.69
N VAL B 82 21.27 31.14 -4.08
CA VAL B 82 22.70 31.33 -4.22
C VAL B 82 23.30 31.72 -2.86
N ASP B 83 24.52 31.25 -2.63
CA ASP B 83 25.27 31.63 -1.44
C ASP B 83 25.79 33.05 -1.62
N PRO B 84 25.36 34.02 -0.78
CA PRO B 84 25.78 35.40 -1.00
C PRO B 84 27.28 35.61 -0.95
N LYS B 85 28.04 34.65 -0.45
CA LYS B 85 29.47 34.86 -0.23
C LYS B 85 30.28 34.67 -1.51
N ASP B 86 30.02 33.59 -2.25
CA ASP B 86 30.74 33.32 -3.48
C ASP B 86 29.83 33.28 -4.71
N GLY B 87 28.55 33.59 -4.56
CA GLY B 87 27.66 33.53 -5.71
C GLY B 87 27.52 32.15 -6.31
N ILE B 88 27.80 31.11 -5.54
CA ILE B 88 27.57 29.73 -5.98
C ILE B 88 26.13 29.36 -5.66
N PRO B 89 25.41 28.67 -6.55
CA PRO B 89 24.06 28.19 -6.20
C PRO B 89 24.13 27.14 -5.09
N TYR B 90 23.22 27.27 -4.12
CA TYR B 90 23.24 26.35 -2.98
C TYR B 90 23.20 24.90 -3.42
N GLU B 91 22.33 24.55 -4.39
CA GLU B 91 22.21 23.13 -4.76
C GLU B 91 23.50 22.60 -5.37
N LYS B 92 24.37 23.47 -5.88
CA LYS B 92 25.68 23.05 -6.37
C LYS B 92 26.65 22.79 -5.24
N LYS B 93 26.64 23.64 -4.21
CA LYS B 93 27.50 23.46 -3.05
C LYS B 93 27.09 22.24 -2.24
N PHE B 94 25.80 21.88 -2.26
CA PHE B 94 25.24 20.88 -1.37
C PHE B 94 24.76 19.62 -2.06
N CYS B 95 24.73 19.57 -3.40
CA CYS B 95 24.21 18.41 -4.10
C CYS B 95 24.96 18.08 -5.39
N GLU B 96 26.03 18.79 -5.72
CA GLU B 96 26.68 18.61 -7.02
C GLU B 96 27.12 17.18 -7.23
N GLY B 97 27.88 16.62 -6.29
CA GLY B 97 28.40 15.26 -6.41
C GLY B 97 27.68 14.20 -5.61
N SER B 98 26.58 14.53 -4.95
CA SER B 98 25.95 13.60 -4.01
C SER B 98 25.15 12.50 -4.70
N GLN B 99 25.01 12.56 -6.03
CA GLN B 99 24.37 11.51 -6.82
C GLN B 99 22.94 11.26 -6.35
N PRO B 100 22.05 12.21 -6.53
CA PRO B 100 20.67 12.01 -6.09
C PRO B 100 19.97 10.94 -6.90
N ARG B 101 18.97 10.33 -6.27
CA ARG B 101 18.17 9.31 -6.93
C ARG B 101 16.81 9.25 -6.27
N GLY B 102 15.81 8.86 -7.05
CA GLY B 102 14.47 8.70 -6.54
C GLY B 102 14.19 7.27 -6.14
N ILE B 103 13.13 7.09 -5.37
CA ILE B 103 12.62 5.77 -5.03
C ILE B 103 11.25 5.63 -5.68
N ILE B 104 11.04 4.53 -6.39
CA ILE B 104 9.79 4.23 -7.09
C ILE B 104 9.37 2.82 -6.71
N LEU B 105 8.13 2.66 -6.26
CA LEU B 105 7.58 1.35 -5.96
C LEU B 105 6.53 1.00 -6.99
N LEU B 106 6.74 -0.12 -7.68
CA LEU B 106 5.74 -0.72 -8.57
C LEU B 106 5.17 -1.92 -7.82
N GLY B 107 4.11 -1.68 -7.05
CA GLY B 107 3.64 -2.71 -6.14
C GLY B 107 2.16 -2.96 -6.18
N ASP B 108 1.68 -3.72 -5.19
CA ASP B 108 0.29 -4.11 -5.12
C ASP B 108 -0.32 -3.58 -3.83
N ALA B 109 -1.37 -4.23 -3.32
CA ALA B 109 -2.06 -3.71 -2.14
C ALA B 109 -1.10 -3.58 -0.96
N ALA B 110 -0.16 -4.52 -0.82
CA ALA B 110 0.78 -4.45 0.29
C ALA B 110 1.76 -3.31 0.12
N GLY B 111 2.25 -3.10 -1.11
CA GLY B 111 3.16 -1.99 -1.35
C GLY B 111 2.50 -0.65 -1.08
N ALA B 112 1.22 -0.52 -1.41
CA ALA B 112 0.45 0.68 -1.12
C ALA B 112 -0.05 0.74 0.32
N HIS B 113 0.17 -0.33 1.10
CA HIS B 113 -0.27 -0.43 2.49
C HIS B 113 -1.79 -0.30 2.61
N PHE B 114 -2.46 -1.31 2.08
CA PHE B 114 -3.90 -1.45 2.29
C PHE B 114 -4.16 -1.71 3.76
N HIS B 115 -5.16 -1.02 4.31
CA HIS B 115 -5.39 -1.07 5.75
C HIS B 115 -6.78 -0.58 6.12
N ILE B 116 -7.60 -1.48 6.64
CA ILE B 116 -8.88 -1.13 7.26
C ILE B 116 -8.63 -1.05 8.77
N PRO B 117 -8.74 0.12 9.40
CA PRO B 117 -8.42 0.24 10.82
C PRO B 117 -9.34 -0.63 11.66
N PRO B 118 -8.78 -1.42 12.60
CA PRO B 118 -9.65 -2.19 13.49
C PRO B 118 -10.63 -1.32 14.27
N GLU B 119 -10.25 -0.07 14.55
CA GLU B 119 -11.09 0.83 15.32
C GLU B 119 -12.47 1.06 14.70
N TRP B 120 -12.63 0.79 13.40
CA TRP B 120 -13.92 1.01 12.75
C TRP B 120 -14.93 -0.08 13.13
N LEU B 121 -14.51 -1.34 13.09
CA LEU B 121 -15.42 -2.46 13.29
C LEU B 121 -15.51 -2.89 14.75
N THR B 122 -14.77 -2.23 15.65
CA THR B 122 -14.79 -2.57 17.06
C THR B 122 -15.78 -1.64 17.76
N VAL B 123 -16.95 -2.17 18.12
CA VAL B 123 -17.90 -1.40 18.92
C VAL B 123 -17.31 -1.04 20.26
N SER B 124 -16.32 -1.81 20.73
CA SER B 124 -15.74 -1.58 22.05
C SER B 124 -15.31 -0.14 22.23
N GLN B 125 -14.62 0.42 21.24
CA GLN B 125 -14.04 1.74 21.36
C GLN B 125 -14.62 2.75 20.37
N MET B 126 -15.59 2.34 19.54
CA MET B 126 -16.15 3.26 18.54
C MET B 126 -16.40 4.64 19.13
N SER B 127 -15.30 5.31 19.45
CA SER B 127 -15.28 6.70 19.87
C SER B 127 -15.40 7.61 18.65
N VAL B 128 -15.54 8.91 18.89
CA VAL B 128 -15.60 9.83 17.77
C VAL B 128 -14.25 9.92 17.08
N ASN B 129 -13.16 9.83 17.84
CA ASN B 129 -11.83 9.89 17.27
C ASN B 129 -11.50 8.66 16.42
N SER B 130 -12.31 7.60 16.51
CA SER B 130 -12.01 6.37 15.79
C SER B 130 -12.33 6.47 14.30
N PHE B 131 -13.27 7.33 13.90
CA PHE B 131 -13.63 7.50 12.50
C PHE B 131 -13.10 8.80 11.92
N LEU B 132 -12.15 9.46 12.60
CA LEU B 132 -11.61 10.72 12.12
C LEU B 132 -10.88 10.56 10.79
N ASN B 133 -10.38 9.37 10.49
CA ASN B 133 -9.53 9.17 9.33
C ASN B 133 -10.27 8.55 8.14
N LEU B 134 -11.60 8.49 8.18
CA LEU B 134 -12.31 7.70 7.17
C LEU B 134 -12.28 8.35 5.80
N PRO B 135 -12.61 9.63 5.64
CA PRO B 135 -12.66 10.18 4.27
C PRO B 135 -11.31 10.18 3.60
N THR B 136 -10.23 10.26 4.38
CA THR B 136 -8.89 10.10 3.81
C THR B 136 -8.69 8.69 3.28
N ALA B 137 -8.94 7.68 4.13
CA ALA B 137 -8.79 6.30 3.69
C ALA B 137 -9.54 6.02 2.40
N VAL B 138 -10.79 6.50 2.32
CA VAL B 138 -11.62 6.21 1.16
C VAL B 138 -11.08 6.91 -0.08
N THR B 139 -10.54 8.12 0.08
CA THR B 139 -9.98 8.83 -1.07
C THR B 139 -8.64 8.25 -1.49
N ASN B 140 -8.01 7.44 -0.64
CA ASN B 140 -6.78 6.73 -0.97
C ASN B 140 -7.03 5.27 -1.28
N GLU B 141 -8.25 4.91 -1.68
CA GLU B 141 -8.55 3.54 -2.08
C GLU B 141 -8.25 2.57 -0.93
N LEU B 142 -8.48 3.03 0.30
CA LEU B 142 -8.17 2.30 1.53
C LEU B 142 -6.69 1.99 1.67
N ASP B 143 -5.85 2.64 0.86
CA ASP B 143 -4.41 2.52 0.97
C ASP B 143 -3.88 3.65 1.82
N TRP B 144 -2.70 3.42 2.40
CA TRP B 144 -2.02 4.42 3.22
C TRP B 144 -0.55 4.51 2.79
N PRO B 145 -0.32 4.88 1.53
CA PRO B 145 1.08 5.03 1.06
C PRO B 145 1.90 5.99 1.90
N GLN B 146 1.29 7.05 2.44
CA GLN B 146 1.99 8.01 3.28
C GLN B 146 2.47 7.39 4.60
N LEU B 147 2.10 6.14 4.87
CA LEU B 147 2.64 5.41 6.01
C LEU B 147 3.28 4.09 5.57
N SER B 148 3.46 3.89 4.28
CA SER B 148 3.93 2.62 3.75
C SER B 148 5.43 2.43 4.04
N GLY B 149 5.89 1.21 3.83
CA GLY B 149 7.27 0.87 4.14
C GLY B 149 8.27 1.39 3.14
N THR B 150 7.86 1.58 1.89
CA THR B 150 8.78 2.04 0.85
C THR B 150 8.75 3.55 0.64
N THR B 151 7.59 4.18 0.82
CA THR B 151 7.44 5.60 0.49
C THR B 151 6.73 6.39 1.58
N GLY B 152 6.59 5.85 2.78
CA GLY B 152 5.98 6.60 3.86
C GLY B 152 6.84 7.80 4.25
N PHE B 153 6.17 8.90 4.60
CA PHE B 153 6.86 10.08 5.12
C PHE B 153 6.25 10.65 6.38
N LEU B 154 4.99 10.33 6.70
CA LEU B 154 4.41 10.76 7.97
C LEU B 154 4.92 9.87 9.09
N ASP B 155 5.05 10.46 10.29
CA ASP B 155 5.51 9.70 11.43
C ASP B 155 4.54 8.57 11.75
N SER B 156 5.07 7.35 11.82
CA SER B 156 4.29 6.20 12.25
C SER B 156 3.80 6.40 13.67
N ALA B 157 2.48 6.60 13.84
CA ALA B 157 1.91 6.74 15.17
C ALA B 157 1.75 5.40 15.88
N SER B 158 2.51 4.39 15.45
CA SER B 158 2.26 3.01 15.84
C SER B 158 3.33 2.47 16.79
N LYS B 159 4.09 3.35 17.45
CA LYS B 159 5.10 2.94 18.41
C LYS B 159 6.24 2.17 17.74
N ILE B 160 6.51 2.51 16.48
CA ILE B 160 7.55 1.85 15.70
C ILE B 160 8.43 2.95 15.12
N LYS B 161 9.72 2.91 15.42
CA LYS B 161 10.64 3.96 15.03
C LYS B 161 11.50 3.56 13.85
N GLU B 162 11.11 2.51 13.13
CA GLU B 162 11.68 2.27 11.82
C GLU B 162 11.19 3.34 10.85
N ASN B 163 12.00 3.58 9.81
CA ASN B 163 11.71 4.59 8.80
C ASN B 163 11.52 3.93 7.45
N SER B 164 10.60 4.50 6.65
CA SER B 164 10.42 4.03 5.28
C SER B 164 11.74 4.11 4.50
N ILE B 165 11.76 3.45 3.34
CA ILE B 165 12.92 3.50 2.46
C ILE B 165 13.15 4.92 1.96
N TYR B 166 12.08 5.64 1.67
CA TYR B 166 12.25 7.00 1.19
C TYR B 166 12.87 7.90 2.26
N LEU B 167 12.34 7.82 3.49
CA LEU B 167 12.90 8.62 4.57
C LEU B 167 14.35 8.27 4.87
N ARG B 168 14.72 7.00 4.66
CA ARG B 168 16.13 6.63 4.78
C ARG B 168 16.97 7.21 3.66
N LEU B 169 16.41 7.33 2.46
CA LEU B 169 17.11 7.99 1.37
C LEU B 169 17.23 9.49 1.61
N ARG B 170 16.17 10.12 2.14
CA ARG B 170 16.25 11.54 2.46
C ARG B 170 17.26 11.78 3.57
N LYS B 171 17.08 11.10 4.71
CA LYS B 171 18.06 11.20 5.80
C LYS B 171 19.48 11.01 5.28
N ARG B 172 19.66 10.09 4.33
CA ARG B 172 20.98 9.81 3.78
C ARG B 172 21.49 10.99 2.96
N ASN B 173 20.69 11.48 2.02
CA ASN B 173 21.05 12.59 1.16
C ASN B 173 19.85 13.52 1.12
N ARG B 174 19.95 14.67 1.80
CA ARG B 174 18.80 15.55 1.87
C ARG B 174 18.45 16.17 0.52
N CYS B 175 19.20 15.88 -0.54
CA CYS B 175 18.84 16.37 -1.86
C CYS B 175 17.67 15.60 -2.44
N ASN B 176 17.46 14.34 -2.01
CA ASN B 176 16.37 13.52 -2.49
C ASN B 176 15.01 13.91 -1.90
N HIS B 177 14.95 14.97 -1.09
CA HIS B 177 13.69 15.39 -0.48
C HIS B 177 12.57 15.46 -1.51
N ARG B 178 11.49 14.74 -1.22
CA ARG B 178 10.24 14.64 -1.98
C ARG B 178 10.34 13.76 -3.21
N ASP B 179 11.46 13.08 -3.47
CA ASP B 179 11.56 12.28 -4.69
C ASP B 179 11.18 10.83 -4.39
N TYR B 180 9.91 10.66 -4.07
CA TYR B 180 9.31 9.34 -3.93
C TYR B 180 8.11 9.24 -4.87
N GLN B 181 7.81 8.01 -5.29
CA GLN B 181 6.63 7.72 -6.07
C GLN B 181 6.16 6.32 -5.71
N ASN B 182 4.93 6.19 -5.23
CA ASN B 182 4.34 4.89 -4.95
C ASN B 182 3.35 4.62 -6.08
N ILE B 183 3.80 3.82 -7.06
CA ILE B 183 2.99 3.45 -8.21
C ILE B 183 2.43 2.06 -7.95
N SER B 184 1.58 1.94 -6.94
CA SER B 184 1.01 0.66 -6.56
C SER B 184 -0.51 0.74 -6.66
N LYS B 185 -1.11 -0.40 -6.99
CA LYS B 185 -2.54 -0.53 -7.13
C LYS B 185 -2.99 -1.79 -6.41
N ASN B 186 -4.15 -1.74 -5.77
CA ASN B 186 -4.59 -2.85 -4.92
C ASN B 186 -4.50 -4.19 -5.65
N GLY B 187 -4.99 -4.26 -6.87
CA GLY B 187 -5.04 -5.53 -7.57
C GLY B 187 -3.89 -5.79 -8.53
N ALA B 188 -2.80 -5.04 -8.38
CA ALA B 188 -1.73 -5.11 -9.36
C ALA B 188 -1.04 -6.46 -9.35
N SER B 189 -0.56 -6.86 -10.53
CA SER B 189 0.19 -8.09 -10.71
C SER B 189 1.04 -7.92 -11.97
N SER B 190 1.79 -8.97 -12.31
CA SER B 190 2.50 -8.96 -13.59
C SER B 190 1.53 -8.81 -14.77
N ARG B 191 0.27 -9.21 -14.60
CA ARG B 191 -0.67 -9.21 -15.73
C ARG B 191 -1.11 -7.80 -16.14
N ASN B 192 -0.97 -6.81 -15.26
CA ASN B 192 -1.48 -5.47 -15.52
C ASN B 192 -0.46 -4.38 -15.17
N VAL B 193 0.79 -4.75 -14.93
CA VAL B 193 1.80 -3.78 -14.56
C VAL B 193 2.08 -2.81 -15.70
N LYS B 194 1.71 -3.16 -16.94
CA LYS B 194 1.95 -2.25 -18.07
C LYS B 194 1.16 -0.95 -17.90
N SER B 195 -0.04 -1.02 -17.30
CA SER B 195 -0.78 0.21 -17.03
C SER B 195 -0.08 1.06 -15.98
N LEU B 196 0.46 0.43 -14.94
CA LEU B 196 1.10 1.20 -13.87
C LEU B 196 2.32 1.94 -14.38
N ILE B 197 3.03 1.38 -15.36
CA ILE B 197 4.26 2.01 -15.83
C ILE B 197 3.94 3.24 -16.66
N GLU B 198 2.80 3.26 -17.34
CA GLU B 198 2.39 4.47 -18.03
C GLU B 198 2.23 5.63 -17.05
N SER B 199 1.82 5.35 -15.81
CA SER B 199 1.60 6.39 -14.81
C SER B 199 2.87 6.75 -14.07
N LEU B 200 3.95 6.03 -14.29
CA LEU B 200 5.23 6.38 -13.69
C LEU B 200 5.74 7.67 -14.33
N SER B 201 6.32 8.55 -13.52
CA SER B 201 6.87 9.80 -14.00
C SER B 201 8.39 9.74 -13.95
N ARG B 202 9.01 9.82 -15.12
CA ARG B 202 10.45 10.01 -15.21
C ARG B 202 10.86 10.34 -16.64
N ASN B 203 11.57 11.44 -16.81
CA ASN B 203 12.09 11.85 -18.11
C ASN B 203 13.52 11.34 -18.23
N GLN B 204 13.78 10.53 -19.26
CA GLN B 204 15.03 9.78 -19.28
C GLN B 204 16.25 10.68 -19.34
N LEU B 205 16.12 11.89 -19.87
CA LEU B 205 17.26 12.79 -20.05
C LEU B 205 17.25 14.00 -19.14
N LEU B 206 16.14 14.30 -18.48
CA LEU B 206 16.02 15.52 -17.69
C LEU B 206 15.90 15.28 -16.19
N ASP B 207 15.71 14.04 -15.75
CA ASP B 207 15.52 13.74 -14.35
C ASP B 207 16.69 12.93 -13.80
N HIS B 208 16.79 12.91 -12.47
CA HIS B 208 17.76 12.07 -11.80
C HIS B 208 17.38 10.60 -11.99
N PRO B 209 18.34 9.67 -11.81
CA PRO B 209 17.99 8.25 -11.85
C PRO B 209 17.13 7.86 -10.67
N ALA B 210 16.70 6.59 -10.64
CA ALA B 210 15.78 6.14 -9.61
C ALA B 210 16.04 4.68 -9.29
N ILE B 211 15.74 4.31 -8.06
CA ILE B 211 15.61 2.91 -7.68
C ILE B 211 14.15 2.52 -7.88
N VAL B 212 13.92 1.45 -8.65
CA VAL B 212 12.59 0.90 -8.83
C VAL B 212 12.54 -0.45 -8.12
N ILE B 213 11.56 -0.61 -7.23
CA ILE B 213 11.29 -1.89 -6.60
C ILE B 213 10.00 -2.42 -7.21
N TYR B 214 10.11 -3.55 -7.90
CA TYR B 214 8.97 -4.29 -8.41
C TYR B 214 8.56 -5.30 -7.35
N ALA B 215 7.38 -5.11 -6.74
CA ALA B 215 6.96 -5.92 -5.59
C ALA B 215 5.50 -6.35 -5.76
N MET B 216 5.29 -7.33 -6.64
CA MET B 216 3.99 -7.97 -6.80
C MET B 216 4.06 -9.29 -6.04
N ILE B 217 3.68 -9.24 -4.76
CA ILE B 217 4.05 -10.31 -3.83
C ILE B 217 2.97 -11.39 -3.71
N GLY B 218 1.93 -11.34 -4.53
CA GLY B 218 0.92 -12.38 -4.40
C GLY B 218 -0.22 -12.44 -5.38
N ASN B 219 -0.58 -11.31 -6.01
CA ASN B 219 -1.76 -11.32 -6.86
C ASN B 219 -1.62 -12.29 -8.03
N ASP B 220 -0.39 -12.58 -8.46
CA ASP B 220 -0.21 -13.55 -9.53
C ASP B 220 -0.69 -14.95 -9.12
N VAL B 221 -0.84 -15.21 -7.83
CA VAL B 221 -1.37 -16.49 -7.35
C VAL B 221 -2.65 -16.30 -6.52
N CYS B 222 -3.18 -15.08 -6.45
CA CYS B 222 -4.31 -14.80 -5.56
C CYS B 222 -5.56 -14.36 -6.31
N ASN B 223 -5.72 -14.80 -7.56
CA ASN B 223 -6.96 -14.62 -8.28
C ASN B 223 -7.63 -15.98 -8.49
N GLY B 224 -8.71 -16.01 -9.27
CA GLY B 224 -9.49 -17.21 -9.42
C GLY B 224 -10.62 -17.31 -8.41
N ARG B 225 -11.27 -16.18 -8.14
CA ARG B 225 -12.30 -16.14 -7.10
C ARG B 225 -13.50 -17.02 -7.44
N LYS B 226 -13.88 -17.08 -8.73
CA LYS B 226 -15.05 -17.83 -9.18
C LYS B 226 -14.69 -19.04 -10.03
N THR B 227 -13.43 -19.47 -10.01
CA THR B 227 -12.97 -20.52 -10.92
C THR B 227 -12.24 -21.58 -10.12
N ASP B 228 -11.41 -22.38 -10.80
CA ASP B 228 -10.46 -23.26 -10.15
C ASP B 228 -9.23 -22.44 -9.80
N PRO B 229 -8.90 -22.26 -8.52
CA PRO B 229 -7.85 -21.28 -8.17
C PRO B 229 -6.53 -21.53 -8.89
N VAL B 230 -6.09 -22.79 -8.93
CA VAL B 230 -4.80 -23.10 -9.56
C VAL B 230 -4.82 -22.74 -11.03
N SER B 231 -5.93 -23.00 -11.71
CA SER B 231 -6.01 -22.73 -13.14
C SER B 231 -6.02 -21.25 -13.45
N ALA B 232 -6.30 -20.40 -12.45
CA ALA B 232 -6.34 -18.95 -12.66
C ALA B 232 -4.99 -18.29 -12.45
N MET B 233 -4.05 -18.95 -11.79
CA MET B 233 -2.79 -18.32 -11.46
C MET B 233 -1.92 -18.12 -12.70
N THR B 234 -1.07 -17.11 -12.61
CA THR B 234 -0.10 -16.83 -13.66
C THR B 234 0.91 -17.97 -13.76
N THR B 235 1.19 -18.39 -14.99
CA THR B 235 2.20 -19.40 -15.24
C THR B 235 3.57 -18.77 -15.35
N PRO B 236 4.64 -19.53 -15.11
CA PRO B 236 5.99 -18.98 -15.26
C PRO B 236 6.24 -18.36 -16.63
N GLU B 237 5.70 -18.98 -17.68
CA GLU B 237 5.83 -18.43 -19.02
C GLU B 237 5.15 -17.06 -19.13
N GLN B 238 3.88 -16.97 -18.71
CA GLN B 238 3.17 -15.70 -18.74
C GLN B 238 3.93 -14.62 -17.98
N LEU B 239 4.35 -14.94 -16.75
CA LEU B 239 5.01 -13.93 -15.93
C LEU B 239 6.33 -13.49 -16.56
N TYR B 240 7.06 -14.44 -17.17
CA TYR B 240 8.32 -14.13 -17.81
C TYR B 240 8.13 -13.09 -18.91
N ALA B 241 7.20 -13.35 -19.83
CA ALA B 241 6.94 -12.38 -20.90
C ALA B 241 6.45 -11.05 -20.35
N ASN B 242 5.54 -11.08 -19.36
CA ASN B 242 5.01 -9.85 -18.80
C ASN B 242 6.13 -8.99 -18.20
N VAL B 243 6.99 -9.61 -17.40
CA VAL B 243 8.04 -8.85 -16.70
C VAL B 243 9.07 -8.33 -17.70
N LEU B 244 9.42 -9.14 -18.71
CA LEU B 244 10.35 -8.68 -19.73
C LEU B 244 9.83 -7.43 -20.44
N LYS B 245 8.58 -7.48 -20.92
CA LYS B 245 7.99 -6.29 -21.52
C LYS B 245 7.97 -5.12 -20.52
N MET B 246 7.73 -5.44 -19.25
CA MET B 246 7.78 -4.44 -18.20
C MET B 246 9.15 -3.77 -18.15
N LEU B 247 10.22 -4.58 -18.20
CA LEU B 247 11.56 -4.05 -18.05
C LEU B 247 12.00 -3.28 -19.29
N GLU B 248 11.58 -3.70 -20.49
CA GLU B 248 11.86 -2.92 -21.68
C GLU B 248 11.28 -1.52 -21.57
N ALA B 249 10.03 -1.43 -21.11
CA ALA B 249 9.41 -0.12 -20.90
C ALA B 249 10.23 0.73 -19.94
N LEU B 250 10.56 0.19 -18.76
CA LEU B 250 11.35 0.94 -17.79
C LEU B 250 12.66 1.42 -18.42
N ASN B 251 13.27 0.60 -19.27
CA ASN B 251 14.56 0.96 -19.82
C ASN B 251 14.47 2.21 -20.69
N SER B 252 13.32 2.47 -21.28
CA SER B 252 13.13 3.64 -22.13
C SER B 252 12.62 4.85 -21.36
N HIS B 253 12.38 4.72 -20.05
CA HIS B 253 11.97 5.82 -19.20
C HIS B 253 12.99 6.20 -18.14
N LEU B 254 13.82 5.26 -17.70
CA LEU B 254 14.66 5.52 -16.54
C LEU B 254 15.97 6.14 -16.98
N PRO B 255 16.40 7.25 -16.39
CA PRO B 255 17.74 7.77 -16.70
C PRO B 255 18.80 6.71 -16.46
N THR B 256 19.88 6.81 -17.22
CA THR B 256 20.99 5.88 -17.07
C THR B 256 21.54 5.94 -15.65
N GLY B 257 21.95 4.79 -15.13
CA GLY B 257 22.40 4.70 -13.76
C GLY B 257 21.30 4.41 -12.76
N SER B 258 20.12 4.01 -13.22
CA SER B 258 19.05 3.62 -12.32
C SER B 258 19.29 2.20 -11.80
N HIS B 259 18.41 1.75 -10.91
CA HIS B 259 18.51 0.44 -10.31
C HIS B 259 17.11 -0.15 -10.18
N VAL B 260 16.96 -1.43 -10.51
CA VAL B 260 15.66 -2.10 -10.46
C VAL B 260 15.82 -3.37 -9.62
N ILE B 261 15.01 -3.48 -8.57
CA ILE B 261 15.00 -4.65 -7.69
C ILE B 261 13.69 -5.40 -7.93
N LEU B 262 13.82 -6.68 -8.27
CA LEU B 262 12.66 -7.56 -8.37
C LEU B 262 12.49 -8.28 -7.04
N TYR B 263 11.32 -8.13 -6.44
CA TYR B 263 11.00 -8.77 -5.18
C TYR B 263 10.23 -10.05 -5.47
N GLY B 264 10.62 -11.14 -4.82
CA GLY B 264 9.92 -12.38 -4.98
C GLY B 264 8.52 -12.33 -4.39
N LEU B 265 7.82 -13.45 -4.50
CA LEU B 265 6.46 -13.57 -3.99
C LEU B 265 6.46 -14.03 -2.54
N ALA B 266 5.37 -13.71 -1.85
CA ALA B 266 5.27 -13.93 -0.42
C ALA B 266 5.12 -15.43 -0.11
N HIS B 267 5.44 -15.77 1.14
CA HIS B 267 5.20 -17.12 1.66
C HIS B 267 3.89 -17.12 2.45
N GLY B 268 2.80 -17.02 1.69
CA GLY B 268 1.47 -16.87 2.25
C GLY B 268 0.91 -18.08 2.99
N ALA B 269 1.60 -19.22 2.96
CA ALA B 269 1.21 -20.30 3.85
C ALA B 269 1.17 -19.82 5.29
N PHE B 270 1.98 -18.80 5.58
CA PHE B 270 2.03 -18.18 6.90
C PHE B 270 0.66 -17.73 7.39
N LEU B 271 -0.21 -17.29 6.48
CA LEU B 271 -1.50 -16.73 6.89
C LEU B 271 -2.34 -17.75 7.62
N TRP B 272 -2.71 -18.82 6.93
CA TRP B 272 -3.54 -19.85 7.56
C TRP B 272 -2.92 -20.35 8.85
N ASP B 273 -1.63 -20.70 8.79
CA ASP B 273 -0.98 -21.28 9.95
C ASP B 273 -1.03 -20.34 11.15
N THR B 274 -0.89 -19.03 10.91
CA THR B 274 -0.78 -18.08 11.99
C THR B 274 -2.14 -17.69 12.57
N LEU B 275 -3.19 -17.70 11.76
CA LEU B 275 -4.46 -17.09 12.15
C LEU B 275 -5.67 -18.01 12.12
N HIS B 276 -5.56 -19.21 11.53
CA HIS B 276 -6.76 -19.99 11.26
C HIS B 276 -7.65 -20.15 12.49
N SER B 277 -7.06 -20.11 13.69
CA SER B 277 -7.84 -20.27 14.91
C SER B 277 -7.60 -19.11 15.87
N ARG B 278 -7.41 -17.91 15.32
CA ARG B 278 -7.34 -16.70 16.11
C ARG B 278 -8.63 -15.92 15.90
N TYR B 279 -8.96 -15.05 16.85
CA TYR B 279 -10.22 -14.32 16.81
C TYR B 279 -10.05 -13.05 15.98
N HIS B 280 -10.84 -12.96 14.90
CA HIS B 280 -11.00 -11.72 14.16
C HIS B 280 -11.49 -10.62 15.11
N PRO B 281 -11.12 -9.36 14.86
CA PRO B 281 -11.62 -8.28 15.73
C PRO B 281 -13.14 -8.23 15.86
N LEU B 282 -13.88 -8.66 14.85
CA LEU B 282 -15.34 -8.73 14.96
C LEU B 282 -15.80 -9.92 15.78
N GLY B 283 -14.90 -10.61 16.47
CA GLY B 283 -15.28 -11.73 17.28
C GLY B 283 -14.55 -11.77 18.60
N GLN B 284 -13.80 -10.71 18.93
CA GLN B 284 -13.06 -10.72 20.19
C GLN B 284 -13.99 -10.54 21.38
N LEU B 285 -15.05 -9.75 21.23
CA LEU B 285 -15.99 -9.56 22.34
C LEU B 285 -16.81 -10.81 22.58
N ASN B 286 -17.48 -11.32 21.56
CA ASN B 286 -18.35 -12.48 21.69
C ASN B 286 -17.60 -13.80 21.47
N LYS B 287 -16.35 -13.75 20.98
CA LYS B 287 -15.53 -14.95 20.83
C LYS B 287 -16.17 -15.97 19.88
N ASP B 288 -16.87 -15.49 18.87
CA ASP B 288 -17.62 -16.35 17.96
C ASP B 288 -17.18 -16.22 16.51
N VAL B 289 -16.00 -15.66 16.25
CA VAL B 289 -15.51 -15.52 14.88
C VAL B 289 -14.00 -15.73 14.85
N THR B 290 -13.55 -16.56 13.92
CA THR B 290 -12.15 -16.77 13.65
C THR B 290 -11.85 -16.42 12.21
N TYR B 291 -10.57 -16.44 11.86
CA TYR B 291 -10.19 -16.19 10.48
C TYR B 291 -10.59 -17.37 9.59
N THR B 292 -10.58 -18.60 10.12
CA THR B 292 -11.16 -19.71 9.36
C THR B 292 -12.57 -19.36 8.90
N GLN B 293 -13.39 -18.85 9.83
CA GLN B 293 -14.74 -18.44 9.48
C GLN B 293 -14.72 -17.31 8.45
N LEU B 294 -13.93 -16.28 8.72
CA LEU B 294 -13.80 -15.18 7.76
C LEU B 294 -13.36 -15.70 6.39
N TYR B 295 -12.35 -16.57 6.37
CA TYR B 295 -11.88 -17.12 5.10
C TYR B 295 -12.99 -17.87 4.39
N SER B 296 -13.74 -18.69 5.13
CA SER B 296 -14.84 -19.46 4.54
C SER B 296 -15.96 -18.54 4.06
N PHE B 297 -16.33 -17.57 4.89
CA PHE B 297 -17.38 -16.62 4.52
C PHE B 297 -17.06 -15.91 3.21
N LEU B 298 -15.85 -15.37 3.09
CA LEU B 298 -15.47 -14.64 1.89
C LEU B 298 -15.30 -15.57 0.71
N GLY B 299 -14.82 -16.79 0.95
CA GLY B 299 -14.74 -17.76 -0.12
C GLY B 299 -16.11 -18.16 -0.63
N CYS B 300 -17.07 -18.31 0.28
CA CYS B 300 -18.44 -18.61 -0.12
C CYS B 300 -18.99 -17.52 -1.03
N LEU B 301 -18.76 -16.26 -0.67
CA LEU B 301 -19.20 -15.14 -1.49
C LEU B 301 -18.34 -14.91 -2.72
N GLN B 302 -17.32 -15.76 -2.94
CA GLN B 302 -16.41 -15.58 -4.07
C GLN B 302 -15.78 -14.19 -4.06
N VAL B 303 -15.41 -13.71 -2.88
CA VAL B 303 -14.77 -12.40 -2.76
C VAL B 303 -13.48 -12.51 -1.97
N SER B 304 -12.93 -13.73 -1.87
CA SER B 304 -11.70 -13.93 -1.12
C SER B 304 -10.55 -13.18 -1.77
N PRO B 305 -9.78 -12.38 -1.03
CA PRO B 305 -8.61 -11.74 -1.64
C PRO B 305 -7.54 -12.72 -2.09
N CYS B 306 -7.54 -13.95 -1.56
CA CYS B 306 -6.62 -14.97 -2.04
C CYS B 306 -7.19 -16.36 -1.75
N PRO B 307 -7.97 -16.93 -2.67
CA PRO B 307 -8.49 -18.28 -2.43
C PRO B 307 -7.40 -19.30 -2.13
N GLY B 308 -6.29 -19.23 -2.87
CA GLY B 308 -5.27 -20.25 -2.75
C GLY B 308 -4.77 -20.42 -1.33
N TRP B 309 -4.42 -19.32 -0.67
CA TRP B 309 -3.79 -19.38 0.65
C TRP B 309 -4.78 -19.27 1.81
N MET B 310 -5.95 -18.70 1.58
CA MET B 310 -6.93 -18.54 2.64
C MET B 310 -7.91 -19.70 2.69
N SER B 311 -7.48 -20.88 2.27
CA SER B 311 -8.30 -22.07 2.25
C SER B 311 -7.99 -22.93 3.47
N ALA B 312 -8.98 -23.73 3.88
CA ALA B 312 -8.74 -24.79 4.85
C ALA B 312 -8.20 -26.06 4.20
N ASN B 313 -8.10 -26.07 2.86
CA ASN B 313 -7.66 -27.22 2.08
C ASN B 313 -6.15 -27.13 1.92
N GLU B 314 -5.42 -27.87 2.75
CA GLU B 314 -3.96 -27.68 2.84
C GLU B 314 -3.23 -28.15 1.59
N THR B 315 -3.86 -29.00 0.76
CA THR B 315 -3.28 -29.30 -0.54
C THR B 315 -3.34 -28.08 -1.45
N LEU B 316 -4.50 -27.41 -1.50
CA LEU B 316 -4.62 -26.20 -2.30
C LEU B 316 -3.63 -25.14 -1.82
N ARG B 317 -3.44 -25.01 -0.50
CA ARG B 317 -2.44 -24.07 0.00
C ARG B 317 -1.03 -24.50 -0.40
N ALA B 318 -0.76 -25.80 -0.47
CA ALA B 318 0.55 -26.27 -0.89
C ALA B 318 0.78 -26.00 -2.37
N LEU B 319 -0.24 -26.23 -3.20
CA LEU B 319 -0.11 -25.91 -4.62
C LEU B 319 0.08 -24.42 -4.83
N THR B 320 -0.55 -23.59 -3.99
CA THR B 320 -0.41 -22.15 -4.12
C THR B 320 1.00 -21.69 -3.79
N SER B 321 1.57 -22.19 -2.69
CA SER B 321 2.94 -21.86 -2.32
C SER B 321 3.92 -22.34 -3.39
N GLU B 322 3.67 -23.53 -3.93
CA GLU B 322 4.56 -24.08 -4.95
C GLU B 322 4.59 -23.18 -6.18
N ARG B 323 3.42 -22.75 -6.64
CA ARG B 323 3.39 -21.85 -7.78
C ARG B 323 4.08 -20.53 -7.45
N ALA B 324 3.77 -19.97 -6.29
CA ALA B 324 4.41 -18.73 -5.88
C ALA B 324 5.93 -18.85 -5.87
N GLN B 325 6.44 -19.98 -5.35
CA GLN B 325 7.88 -20.18 -5.34
C GLN B 325 8.42 -20.35 -6.76
N GLN B 326 7.65 -21.04 -7.62
CA GLN B 326 8.06 -21.19 -9.01
C GLN B 326 8.11 -19.84 -9.72
N LEU B 327 7.20 -18.93 -9.37
CA LEU B 327 7.23 -17.61 -9.99
C LEU B 327 8.37 -16.75 -9.46
N SER B 328 8.75 -16.92 -8.19
CA SER B 328 9.90 -16.20 -7.67
C SER B 328 11.18 -16.62 -8.38
N GLU B 329 11.36 -17.92 -8.60
CA GLU B 329 12.55 -18.39 -9.30
C GLU B 329 12.57 -17.87 -10.74
N THR B 330 11.40 -17.64 -11.33
CA THR B 330 11.33 -17.01 -12.64
C THR B 330 11.87 -15.59 -12.58
N LEU B 331 11.46 -14.82 -11.56
CA LEU B 331 11.98 -13.46 -11.41
C LEU B 331 13.47 -13.49 -11.12
N ARG B 332 13.94 -14.47 -10.33
CA ARG B 332 15.37 -14.57 -10.05
C ARG B 332 16.15 -14.89 -11.32
N LYS B 333 15.61 -15.77 -12.17
CA LYS B 333 16.30 -16.09 -13.42
C LYS B 333 16.45 -14.86 -14.29
N ILE B 334 15.42 -14.01 -14.33
CA ILE B 334 15.45 -12.80 -15.15
C ILE B 334 16.53 -11.84 -14.65
N ALA B 335 16.64 -11.67 -13.34
CA ALA B 335 17.66 -10.79 -12.77
C ALA B 335 19.06 -11.30 -13.01
N ALA B 336 19.23 -12.58 -13.33
CA ALA B 336 20.55 -13.16 -13.52
C ALA B 336 20.99 -13.15 -14.98
N SER B 337 20.07 -13.21 -15.92
CA SER B 337 20.39 -13.46 -17.33
C SER B 337 19.99 -12.33 -18.27
N LYS B 338 19.47 -11.21 -17.77
CA LYS B 338 19.06 -10.10 -18.62
C LYS B 338 19.74 -8.83 -18.17
N LYS B 339 20.27 -8.07 -19.13
CA LYS B 339 20.96 -6.82 -18.86
C LYS B 339 20.29 -5.69 -19.63
N PHE B 340 20.43 -4.48 -19.10
CA PHE B 340 19.79 -3.30 -19.68
C PHE B 340 20.73 -2.11 -19.56
N THR B 341 20.65 -1.23 -20.56
CA THR B 341 21.61 -0.14 -20.69
C THR B 341 21.43 0.93 -19.61
N ASN B 342 20.19 1.17 -19.18
CA ASN B 342 19.89 2.29 -18.30
C ASN B 342 19.67 1.89 -16.85
N PHE B 343 19.72 0.60 -16.52
CA PHE B 343 19.67 0.20 -15.12
C PHE B 343 20.31 -1.17 -14.96
N ASN B 344 20.84 -1.43 -13.77
CA ASN B 344 21.20 -2.78 -13.38
C ASN B 344 20.08 -3.39 -12.54
N LEU B 345 20.05 -4.72 -12.52
CA LEU B 345 18.87 -5.48 -12.12
C LEU B 345 19.26 -6.48 -11.03
N PHE B 346 18.45 -6.57 -9.97
CA PHE B 346 18.74 -7.41 -8.82
C PHE B 346 17.49 -8.17 -8.42
N TYR B 347 17.68 -9.21 -7.60
CA TYR B 347 16.56 -10.00 -7.08
C TYR B 347 16.69 -10.17 -5.58
N LEU B 348 15.57 -10.01 -4.86
CA LEU B 348 15.52 -10.22 -3.42
C LEU B 348 14.40 -11.18 -3.09
N ASP B 349 14.69 -12.17 -2.24
CA ASP B 349 13.66 -13.05 -1.73
C ASP B 349 12.74 -12.31 -0.77
N PHE B 350 11.53 -12.83 -0.61
CA PHE B 350 10.65 -12.39 0.45
C PHE B 350 11.25 -12.71 1.81
N ALA B 351 11.70 -11.69 2.54
CA ALA B 351 12.43 -11.89 3.78
C ALA B 351 11.51 -12.26 4.96
N PHE B 352 10.46 -13.04 4.70
CA PHE B 352 9.46 -13.33 5.74
C PHE B 352 10.10 -13.95 6.97
N GLN B 353 10.98 -14.95 6.78
CA GLN B 353 11.56 -15.61 7.95
C GLN B 353 12.38 -14.63 8.76
N GLU B 354 13.21 -13.84 8.09
CA GLU B 354 14.07 -12.89 8.78
C GLU B 354 13.24 -11.82 9.50
N VAL B 355 12.08 -11.46 8.95
CA VAL B 355 11.21 -10.49 9.61
C VAL B 355 10.65 -11.07 10.91
N VAL B 356 10.37 -12.36 10.94
CA VAL B 356 9.79 -12.97 12.13
C VAL B 356 10.81 -13.00 13.27
N GLU B 357 12.04 -13.42 12.97
CA GLU B 357 13.08 -13.45 13.99
C GLU B 357 13.24 -12.07 14.61
N GLU B 358 13.33 -11.04 13.76
CA GLU B 358 13.56 -9.68 14.25
C GLU B 358 12.37 -9.16 15.06
N TRP B 359 11.15 -9.64 14.76
CA TRP B 359 9.97 -9.16 15.45
C TRP B 359 9.79 -9.82 16.81
N GLN B 360 10.19 -11.09 16.95
CA GLN B 360 10.13 -11.75 18.25
C GLN B 360 11.03 -11.04 19.25
N LYS B 361 12.23 -10.64 18.82
CA LYS B 361 13.14 -9.94 19.70
C LYS B 361 12.51 -8.69 20.30
N MET B 362 11.61 -8.04 19.56
CA MET B 362 10.90 -6.86 20.03
C MET B 362 9.64 -7.20 20.81
N GLY B 363 9.50 -8.45 21.26
CA GLY B 363 8.38 -8.84 22.10
C GLY B 363 7.07 -8.99 21.38
N GLY B 364 7.06 -9.05 20.06
CA GLY B 364 5.85 -9.25 19.30
C GLY B 364 5.65 -10.69 18.91
N GLN B 365 4.41 -11.02 18.54
CA GLN B 365 4.08 -12.34 18.05
C GLN B 365 3.69 -12.27 16.58
N PRO B 366 3.79 -13.40 15.87
CA PRO B 366 3.53 -13.36 14.41
C PRO B 366 2.21 -12.75 14.01
N TRP B 367 1.11 -13.14 14.67
CA TRP B 367 -0.20 -12.65 14.26
C TRP B 367 -0.31 -11.13 14.37
N GLU B 368 0.63 -10.47 15.06
CA GLU B 368 0.64 -9.01 15.11
C GLU B 368 1.23 -8.40 13.84
N LEU B 369 1.72 -9.20 12.90
CA LEU B 369 2.28 -8.70 11.67
C LEU B 369 1.30 -8.75 10.50
N ILE B 370 0.04 -9.07 10.75
CA ILE B 370 -0.96 -9.19 9.70
C ILE B 370 -2.12 -8.26 10.01
N GLU B 371 -2.62 -7.60 8.98
CA GLU B 371 -3.79 -6.74 9.15
C GLU B 371 -4.90 -7.51 9.87
N ALA B 372 -5.44 -6.88 10.91
CA ALA B 372 -6.45 -7.55 11.72
C ALA B 372 -7.72 -7.79 10.91
N VAL B 373 -8.18 -6.77 10.18
CA VAL B 373 -9.50 -6.84 9.54
C VAL B 373 -9.49 -7.85 8.41
N ASP B 374 -8.55 -7.76 7.48
CA ASP B 374 -8.58 -8.64 6.32
C ASP B 374 -7.76 -9.91 6.51
N GLY B 375 -6.91 -9.98 7.54
CA GLY B 375 -6.17 -11.22 7.80
C GLY B 375 -5.39 -11.73 6.60
N PHE B 376 -4.78 -10.81 5.84
CA PHE B 376 -4.14 -11.18 4.58
C PHE B 376 -2.92 -10.31 4.30
N HIS B 377 -3.11 -8.98 4.25
CA HIS B 377 -1.97 -8.11 3.95
C HIS B 377 -1.08 -7.95 5.18
N PRO B 378 0.22 -7.79 4.96
CA PRO B 378 1.09 -7.36 6.06
C PRO B 378 0.70 -5.95 6.51
N ASN B 379 0.81 -5.71 7.81
CA ASN B 379 0.43 -4.42 8.37
C ASN B 379 1.61 -3.46 8.35
N GLU B 380 1.37 -2.24 8.86
CA GLU B 380 2.39 -1.20 8.87
C GLU B 380 3.67 -1.69 9.53
N VAL B 381 3.54 -2.44 10.61
CA VAL B 381 4.71 -2.91 11.36
C VAL B 381 5.55 -3.83 10.49
N ALA B 382 4.91 -4.80 9.83
CA ALA B 382 5.64 -5.73 8.99
C ALA B 382 6.29 -5.04 7.81
N LEU B 383 5.57 -4.11 7.17
CA LEU B 383 6.13 -3.42 5.99
C LEU B 383 7.43 -2.69 6.35
N LEU B 384 7.42 -1.93 7.44
CA LEU B 384 8.64 -1.24 7.84
C LEU B 384 9.75 -2.23 8.18
N LEU B 385 9.41 -3.38 8.74
CA LEU B 385 10.40 -4.42 8.97
C LEU B 385 10.91 -4.99 7.65
N PHE B 386 10.03 -5.15 6.66
CA PHE B 386 10.48 -5.57 5.33
C PHE B 386 11.39 -4.52 4.71
N ALA B 387 11.07 -3.24 4.88
CA ALA B 387 11.95 -2.18 4.41
C ALA B 387 13.29 -2.24 5.11
N ASP B 388 13.27 -2.40 6.43
CA ASP B 388 14.50 -2.51 7.21
C ASP B 388 15.39 -3.62 6.66
N GLN B 389 14.83 -4.80 6.43
CA GLN B 389 15.63 -5.91 5.93
C GLN B 389 16.15 -5.62 4.52
N LEU B 390 15.34 -5.01 3.66
CA LEU B 390 15.83 -4.70 2.33
C LEU B 390 16.96 -3.68 2.37
N TRP B 391 16.83 -2.66 3.23
CA TRP B 391 17.85 -1.63 3.31
C TRP B 391 19.19 -2.20 3.77
N GLU B 392 19.18 -3.01 4.84
CA GLU B 392 20.42 -3.58 5.33
C GLU B 392 21.02 -4.54 4.32
N LYS B 393 20.19 -5.30 3.61
CA LYS B 393 20.72 -6.29 2.69
C LYS B 393 21.31 -5.64 1.43
N VAL B 394 20.68 -4.56 0.94
CA VAL B 394 21.20 -3.89 -0.23
C VAL B 394 22.54 -3.22 0.09
N GLN B 395 22.71 -2.69 1.30
CA GLN B 395 23.98 -2.09 1.69
C GLN B 395 25.13 -3.08 1.51
N ARG B 396 25.06 -4.21 2.21
CA ARG B 396 26.18 -5.14 2.23
C ARG B 396 26.54 -5.61 0.83
N GLN B 397 25.53 -6.01 0.05
CA GLN B 397 25.79 -6.66 -1.24
C GLN B 397 25.95 -5.65 -2.37
N TRP B 398 25.09 -4.63 -2.42
CA TRP B 398 25.02 -3.71 -3.56
C TRP B 398 25.02 -2.27 -3.05
N PRO B 399 26.17 -1.79 -2.55
CA PRO B 399 26.20 -0.46 -1.94
C PRO B 399 25.91 0.67 -2.91
N ASP B 400 26.23 0.50 -4.19
CA ASP B 400 26.00 1.57 -5.16
C ASP B 400 24.52 1.88 -5.31
N VAL B 401 23.66 0.92 -5.01
CA VAL B 401 22.22 1.09 -5.24
C VAL B 401 21.68 2.23 -4.39
N LEU B 402 22.21 2.39 -3.18
CA LEU B 402 21.71 3.38 -2.24
C LEU B 402 22.55 4.65 -2.23
N GLY B 403 23.72 4.64 -2.83
CA GLY B 403 24.53 5.84 -2.90
C GLY B 403 25.34 6.08 -1.63
N LYS B 404 25.82 7.30 -1.51
CA LYS B 404 26.67 7.71 -0.40
C LYS B 404 25.94 8.65 0.56
N GLU B 405 26.44 8.71 1.78
CA GLU B 405 25.96 9.70 2.75
C GLU B 405 26.45 11.08 2.36
N ASN B 406 25.57 12.09 2.54
CA ASN B 406 25.89 13.45 2.12
C ASN B 406 26.38 14.28 3.29
N PRO B 407 27.66 14.67 3.35
CA PRO B 407 28.17 15.40 4.52
C PRO B 407 27.47 16.73 4.77
N PHE B 408 26.67 17.24 3.83
CA PHE B 408 26.05 18.56 3.95
C PHE B 408 24.62 18.50 4.45
N ASN B 409 24.22 17.39 5.09
CA ASN B 409 22.88 17.32 5.65
C ASN B 409 22.64 18.38 6.72
N PRO B 410 23.48 18.50 7.75
CA PRO B 410 23.23 19.56 8.75
C PRO B 410 23.18 20.95 8.15
N GLN B 411 24.05 21.24 7.17
CA GLN B 411 24.08 22.58 6.58
C GLN B 411 22.83 22.85 5.74
N ILE B 412 22.45 21.88 4.90
CA ILE B 412 21.15 21.97 4.23
C ILE B 412 20.06 22.17 5.26
N GLU B 413 20.14 21.43 6.37
CA GLU B 413 19.14 21.55 7.43
C GLU B 413 19.12 22.97 8.00
N GLU B 414 20.29 23.60 8.15
CA GLU B 414 20.36 24.92 8.75
C GLU B 414 19.93 26.01 7.79
N VAL B 415 20.21 25.84 6.49
CA VAL B 415 19.83 26.85 5.51
C VAL B 415 18.35 26.73 5.18
N PHE B 416 17.82 25.51 5.09
CA PHE B 416 16.53 25.27 4.48
C PHE B 416 15.54 24.54 5.39
N GLY B 417 15.88 24.32 6.65
CA GLY B 417 14.93 23.71 7.59
C GLY B 417 14.32 22.42 7.06
N ASP B 418 12.99 22.32 7.19
CA ASP B 418 12.22 21.18 6.71
C ASP B 418 12.28 21.04 5.19
N GLN B 419 12.97 21.97 4.53
CA GLN B 419 13.05 21.99 3.07
C GLN B 419 11.66 22.07 2.44
N GLY B 420 10.78 22.83 3.10
CA GLY B 420 9.44 23.03 2.62
C GLY B 420 8.42 22.03 3.12
N GLY B 421 8.87 20.98 3.80
CA GLY B 421 7.96 19.98 4.32
C GLY B 421 7.64 18.91 3.29
N HIS B 422 6.56 18.19 3.56
CA HIS B 422 6.02 17.20 2.64
C HIS B 422 4.59 17.59 2.30
#